data_4MK3
#
_entry.id   4MK3
#
_cell.length_a   70.611
_cell.length_b   70.611
_cell.length_c   89.553
_cell.angle_alpha   90.000
_cell.angle_beta   90.000
_cell.angle_gamma   90.000
#
_symmetry.space_group_name_H-M   'P 41 21 2'
#
loop_
_entity.id
_entity.type
_entity.pdbx_description
1 polymer 'Glutathione S-transferase'
2 non-polymer 'MAGNESIUM ION'
3 non-polymer 'TETRAETHYLENE GLYCOL'
4 non-polymer L-GAMMA-GLUTAMYL-3-SULFINO-L-ALANYLGLYCINE
5 water water
#
_entity_poly.entity_id   1
_entity_poly.type   'polypeptide(L)'
_entity_poly.pdbx_seq_one_letter_code
;MHHHHHHSSGVDLGTENLYFQSMKLYASQTSPYARKVRVVLAEKKIDYEMIEENVWSPDTTIGRFNPLGKVPCLVMEDGG
AVFDSRVIAEYADTLSPVSRLIPQGSRERLEVRCWEALADGLLDAALLARLEVTQRKESERSESWVQRQRSKIDAALTAM
STGLADKTWCTGTHYTLADVAVGCALAYLDFRFPDIAWRDRHPNLVAFQEKIEKRQSFIDTEPPRG
;
_entity_poly.pdbx_strand_id   A
#
# COMPACT_ATOMS: atom_id res chain seq x y z
N MET A 23 -12.79 11.71 -12.54
CA MET A 23 -12.60 11.18 -11.16
C MET A 23 -11.51 11.94 -10.42
N LYS A 24 -11.70 12.09 -9.11
CA LYS A 24 -10.73 12.77 -8.26
C LYS A 24 -10.24 11.81 -7.20
N LEU A 25 -8.92 11.77 -7.02
CA LEU A 25 -8.33 11.01 -5.94
C LEU A 25 -7.76 11.93 -4.89
N TYR A 26 -8.37 11.87 -3.71
CA TYR A 26 -7.87 12.55 -2.54
C TYR A 26 -6.83 11.66 -1.91
N ALA A 27 -5.62 12.20 -1.78
CA ALA A 27 -4.48 11.39 -1.44
C ALA A 27 -3.36 12.28 -0.97
N SER A 28 -2.22 11.67 -0.68
CA SER A 28 -1.02 12.45 -0.44
C SER A 28 0.10 11.71 -1.19
N GLN A 29 1.21 12.41 -1.39
CA GLN A 29 2.31 11.83 -2.14
C GLN A 29 3.13 10.86 -1.29
N THR A 30 2.89 10.86 0.02
CA THR A 30 3.62 9.95 0.93
C THR A 30 2.79 8.74 1.33
N SER A 31 1.46 8.84 1.30
CA SER A 31 0.58 7.78 1.79
C SER A 31 0.84 6.49 1.04
N PRO A 32 1.22 5.41 1.75
CA PRO A 32 1.50 4.16 1.03
C PRO A 32 0.24 3.47 0.56
N TYR A 33 -0.87 3.67 1.26
CA TYR A 33 -2.15 3.15 0.80
C TYR A 33 -2.59 3.88 -0.45
N ALA A 34 -2.39 5.19 -0.48
CA ALA A 34 -2.70 5.94 -1.67
C ALA A 34 -1.74 5.59 -2.80
N ARG A 35 -0.50 5.25 -2.46
CA ARG A 35 0.46 4.88 -3.52
C ARG A 35 0.00 3.60 -4.21
N LYS A 36 -0.50 2.65 -3.42
CA LYS A 36 -1.05 1.44 -4.00
C LYS A 36 -2.12 1.74 -5.05
N VAL A 37 -3.05 2.64 -4.71
CA VAL A 37 -4.09 3.02 -5.64
C VAL A 37 -3.53 3.73 -6.87
N ARG A 38 -2.58 4.65 -6.63
N ARG A 38 -2.59 4.65 -6.65
CA ARG A 38 -1.93 5.39 -7.70
CA ARG A 38 -2.00 5.35 -7.77
C ARG A 38 -1.20 4.46 -8.67
C ARG A 38 -1.24 4.41 -8.70
N VAL A 39 -0.56 3.42 -8.15
CA VAL A 39 0.11 2.42 -8.98
C VAL A 39 -0.92 1.64 -9.81
N VAL A 40 -2.01 1.22 -9.18
CA VAL A 40 -3.05 0.53 -9.91
C VAL A 40 -3.57 1.44 -11.03
N LEU A 41 -3.91 2.69 -10.73
CA LEU A 41 -4.43 3.57 -11.77
C LEU A 41 -3.44 3.77 -12.91
N ALA A 42 -2.16 3.88 -12.60
CA ALA A 42 -1.14 4.01 -13.63
C ALA A 42 -1.03 2.74 -14.48
N GLU A 43 -0.99 1.59 -13.81
CA GLU A 43 -0.89 0.32 -14.55
C GLU A 43 -2.07 0.14 -15.51
N LYS A 44 -3.25 0.58 -15.07
CA LYS A 44 -4.51 0.44 -15.83
C LYS A 44 -4.70 1.55 -16.88
N LYS A 45 -3.85 2.57 -16.82
CA LYS A 45 -3.93 3.72 -17.72
C LYS A 45 -5.27 4.45 -17.57
N ILE A 46 -5.69 4.60 -16.32
CA ILE A 46 -6.91 5.32 -15.99
C ILE A 46 -6.57 6.75 -15.58
N ASP A 47 -7.19 7.71 -16.25
CA ASP A 47 -6.93 9.12 -15.98
C ASP A 47 -7.74 9.55 -14.76
N TYR A 48 -7.14 10.41 -13.95
CA TYR A 48 -7.78 10.93 -12.74
C TYR A 48 -7.08 12.20 -12.30
N GLU A 49 -7.80 13.03 -11.55
CA GLU A 49 -7.22 14.24 -10.97
C GLU A 49 -6.70 13.90 -9.59
N MET A 50 -5.44 14.24 -9.34
CA MET A 50 -4.80 14.02 -8.06
C MET A 50 -5.01 15.25 -7.20
N ILE A 51 -5.56 15.06 -5.99
CA ILE A 51 -5.76 16.19 -5.08
C ILE A 51 -5.05 15.88 -3.76
N GLU A 52 -3.97 16.60 -3.47
CA GLU A 52 -3.22 16.35 -2.25
C GLU A 52 -4.05 16.90 -1.12
N GLU A 53 -4.24 16.11 -0.07
CA GLU A 53 -5.04 16.48 1.08
C GLU A 53 -4.28 16.06 2.33
N ASN A 54 -3.99 17.01 3.22
CA ASN A 54 -3.38 16.71 4.54
C ASN A 54 -4.44 16.39 5.60
N VAL A 55 -4.65 15.09 5.78
CA VAL A 55 -5.70 14.60 6.66
C VAL A 55 -5.42 14.87 8.13
N TRP A 56 -4.19 15.25 8.47
CA TRP A 56 -3.83 15.55 9.86
C TRP A 56 -3.98 17.02 10.21
N SER A 57 -4.28 17.85 9.21
CA SER A 57 -4.54 19.27 9.45
C SER A 57 -5.93 19.45 10.06
N PRO A 58 -6.06 20.37 11.03
CA PRO A 58 -7.42 20.61 11.53
C PRO A 58 -8.32 21.24 10.46
N ASP A 59 -7.74 21.71 9.36
CA ASP A 59 -8.49 22.30 8.26
C ASP A 59 -8.83 21.32 7.13
N THR A 60 -8.62 20.04 7.36
CA THR A 60 -8.88 19.07 6.32
C THR A 60 -10.36 19.01 5.97
N THR A 61 -10.66 18.80 4.69
CA THR A 61 -12.04 18.66 4.26
C THR A 61 -12.33 17.25 3.81
N ILE A 62 -11.46 16.32 4.16
CA ILE A 62 -11.62 14.94 3.71
C ILE A 62 -12.97 14.34 4.17
N GLY A 63 -13.47 14.80 5.30
CA GLY A 63 -14.71 14.29 5.87
C GLY A 63 -15.97 14.53 5.03
N ARG A 64 -15.87 15.41 4.04
CA ARG A 64 -16.95 15.60 3.05
C ARG A 64 -17.18 14.33 2.27
N PHE A 65 -16.14 13.53 2.16
CA PHE A 65 -16.10 12.41 1.22
C PHE A 65 -15.94 11.10 1.95
N ASN A 66 -15.01 11.06 2.90
CA ASN A 66 -14.75 9.84 3.66
C ASN A 66 -14.98 10.15 5.14
N PRO A 67 -16.10 9.66 5.70
CA PRO A 67 -16.36 9.94 7.12
C PRO A 67 -15.29 9.40 8.07
N LEU A 68 -14.50 8.45 7.60
CA LEU A 68 -13.41 7.90 8.41
C LEU A 68 -12.23 8.85 8.47
N GLY A 69 -12.24 9.89 7.63
CA GLY A 69 -11.21 10.91 7.70
C GLY A 69 -9.87 10.48 7.16
N LYS A 70 -9.89 9.54 6.21
CA LYS A 70 -8.66 8.96 5.68
C LYS A 70 -8.53 9.09 4.18
N VAL A 71 -7.29 9.14 3.73
CA VAL A 71 -6.96 8.97 2.32
C VAL A 71 -6.32 7.61 2.12
N PRO A 72 -6.46 7.02 0.93
CA PRO A 72 -7.10 7.56 -0.26
C PRO A 72 -8.60 7.51 -0.23
N CYS A 73 -9.19 8.44 -0.98
CA CYS A 73 -10.62 8.44 -1.22
C CYS A 73 -10.83 8.87 -2.66
N LEU A 74 -11.54 8.05 -3.44
CA LEU A 74 -11.84 8.36 -4.83
C LEU A 74 -13.24 8.92 -4.93
N VAL A 75 -13.37 10.07 -5.57
CA VAL A 75 -14.66 10.74 -5.70
C VAL A 75 -15.00 10.71 -7.17
N MET A 76 -16.13 10.07 -7.48
CA MET A 76 -16.51 9.78 -8.85
C MET A 76 -17.24 10.96 -9.49
N GLU A 77 -17.40 10.84 -10.81
CA GLU A 77 -17.98 11.91 -11.62
C GLU A 77 -19.29 12.35 -10.98
N ASP A 78 -20.13 11.38 -10.64
CA ASP A 78 -21.43 11.65 -10.03
C ASP A 78 -21.35 12.20 -8.61
N GLY A 79 -20.16 12.20 -8.01
CA GLY A 79 -20.01 12.71 -6.64
C GLY A 79 -19.91 11.58 -5.62
N GLY A 80 -20.13 10.35 -6.06
CA GLY A 80 -20.03 9.20 -5.19
C GLY A 80 -18.62 9.03 -4.66
N ALA A 81 -18.48 8.76 -3.37
CA ALA A 81 -17.17 8.61 -2.74
C ALA A 81 -16.85 7.15 -2.47
N VAL A 82 -15.63 6.75 -2.80
CA VAL A 82 -15.18 5.35 -2.67
C VAL A 82 -13.96 5.30 -1.73
N PHE A 83 -14.00 4.37 -0.78
CA PHE A 83 -12.90 4.10 0.14
C PHE A 83 -13.12 2.68 0.65
N ASP A 84 -12.12 2.02 1.25
CA ASP A 84 -10.74 2.47 1.41
C ASP A 84 -9.87 2.02 0.23
N SER A 85 -8.55 1.96 0.42
CA SER A 85 -7.65 1.64 -0.69
C SER A 85 -7.95 0.31 -1.35
N ARG A 86 -8.38 -0.67 -0.58
CA ARG A 86 -8.68 -1.98 -1.18
C ARG A 86 -9.90 -1.92 -2.07
N VAL A 87 -10.90 -1.15 -1.64
CA VAL A 87 -12.12 -1.01 -2.41
C VAL A 87 -11.85 -0.23 -3.69
N ILE A 88 -11.04 0.81 -3.59
CA ILE A 88 -10.67 1.60 -4.75
C ILE A 88 -9.84 0.77 -5.74
N ALA A 89 -8.89 0.01 -5.23
CA ALA A 89 -8.07 -0.84 -6.11
C ALA A 89 -8.90 -1.86 -6.87
N GLU A 90 -9.79 -2.54 -6.17
CA GLU A 90 -10.69 -3.54 -6.77
C GLU A 90 -11.57 -2.94 -7.86
N TYR A 91 -12.13 -1.77 -7.57
CA TYR A 91 -12.98 -1.12 -8.53
C TYR A 91 -12.17 -0.63 -9.74
N ALA A 92 -11.02 -0.01 -9.50
CA ALA A 92 -10.19 0.47 -10.61
C ALA A 92 -9.80 -0.65 -11.57
N ASP A 93 -9.52 -1.84 -11.03
CA ASP A 93 -9.17 -2.96 -11.88
C ASP A 93 -10.26 -3.32 -12.90
N THR A 94 -11.52 -3.00 -12.59
CA THR A 94 -12.61 -3.31 -13.50
C THR A 94 -12.82 -2.23 -14.57
N LEU A 95 -12.16 -1.09 -14.41
CA LEU A 95 -12.47 0.06 -15.27
C LEU A 95 -11.81 0.02 -16.65
N SER A 96 -10.82 -0.85 -16.81
CA SER A 96 -10.13 -1.00 -18.08
C SER A 96 -9.68 -2.45 -18.25
N PRO A 97 -9.60 -2.92 -19.49
CA PRO A 97 -9.07 -4.28 -19.72
C PRO A 97 -7.54 -4.30 -19.70
N VAL A 98 -6.92 -3.13 -19.59
CA VAL A 98 -5.48 -3.01 -19.57
C VAL A 98 -4.93 -3.51 -18.24
N SER A 99 -3.92 -4.38 -18.31
CA SER A 99 -3.17 -4.79 -17.13
C SER A 99 -4.09 -5.25 -16.00
N ARG A 100 -4.80 -6.34 -16.22
CA ARG A 100 -5.59 -6.96 -15.17
C ARG A 100 -4.72 -7.34 -13.95
N LEU A 101 -5.07 -6.83 -12.78
CA LEU A 101 -4.27 -7.01 -11.55
C LEU A 101 -4.89 -7.91 -10.50
N ILE A 102 -6.16 -8.21 -10.63
CA ILE A 102 -6.82 -9.14 -9.73
C ILE A 102 -7.37 -10.29 -10.58
N PRO A 103 -6.92 -11.53 -10.32
CA PRO A 103 -7.35 -12.67 -11.12
C PRO A 103 -8.84 -12.97 -11.06
N GLN A 104 -9.34 -13.66 -12.09
CA GLN A 104 -10.72 -14.11 -12.16
C GLN A 104 -11.08 -15.22 -11.18
N GLY A 105 -10.21 -16.21 -11.03
CA GLY A 105 -10.56 -17.37 -10.22
C GLY A 105 -10.71 -17.04 -8.74
N SER A 106 -11.69 -17.63 -8.06
CA SER A 106 -11.96 -17.38 -6.65
C SER A 106 -10.76 -17.72 -5.76
N ARG A 107 -10.12 -18.84 -6.06
CA ARG A 107 -8.94 -19.24 -5.31
C ARG A 107 -7.74 -18.33 -5.57
N GLU A 108 -7.60 -17.95 -6.83
N GLU A 108 -7.53 -17.94 -6.83
CA GLU A 108 -6.51 -17.10 -7.24
CA GLU A 108 -6.40 -17.04 -7.13
C GLU A 108 -6.70 -15.68 -6.70
C GLU A 108 -6.69 -15.64 -6.62
N ARG A 109 -7.95 -15.23 -6.70
CA ARG A 109 -8.35 -13.96 -6.11
C ARG A 109 -8.08 -13.97 -4.61
N LEU A 110 -8.46 -15.07 -3.94
CA LEU A 110 -8.18 -15.21 -2.51
C LEU A 110 -6.69 -14.97 -2.21
N GLU A 111 -5.82 -15.63 -2.96
N GLU A 111 -5.84 -15.62 -2.98
CA GLU A 111 -4.39 -15.50 -2.75
CA GLU A 111 -4.41 -15.53 -2.79
C GLU A 111 -3.96 -14.05 -2.87
C GLU A 111 -3.91 -14.09 -2.91
N VAL A 112 -4.35 -13.40 -3.95
CA VAL A 112 -3.98 -12.01 -4.16
C VAL A 112 -4.53 -11.09 -3.08
N ARG A 113 -5.78 -11.29 -2.68
CA ARG A 113 -6.34 -10.42 -1.66
C ARG A 113 -5.73 -10.67 -0.29
N CYS A 114 -5.31 -11.88 0.01
N CYS A 114 -5.35 -11.92 -0.01
CA CYS A 114 -4.63 -12.14 1.27
CA CYS A 114 -4.59 -12.30 1.19
C CYS A 114 -3.24 -11.50 1.29
C CYS A 114 -3.27 -11.53 1.26
N TRP A 115 -2.52 -11.56 0.17
CA TRP A 115 -1.28 -10.82 0.05
C TRP A 115 -1.51 -9.34 0.29
N GLU A 116 -2.56 -8.77 -0.28
CA GLU A 116 -2.86 -7.36 -0.07
C GLU A 116 -3.13 -7.07 1.40
N ALA A 117 -3.87 -7.94 2.05
CA ALA A 117 -4.16 -7.78 3.48
C ALA A 117 -2.87 -7.85 4.31
N LEU A 118 -1.96 -8.73 3.94
CA LEU A 118 -0.68 -8.84 4.64
C LEU A 118 0.10 -7.54 4.52
N ALA A 119 0.20 -7.02 3.30
CA ALA A 119 0.93 -5.77 3.07
C ALA A 119 0.27 -4.59 3.78
N ASP A 120 -1.04 -4.49 3.66
CA ASP A 120 -1.78 -3.40 4.29
C ASP A 120 -1.64 -3.51 5.81
N GLY A 121 -1.63 -4.73 6.32
CA GLY A 121 -1.45 -4.93 7.76
C GLY A 121 -0.10 -4.51 8.28
N LEU A 122 0.94 -4.77 7.49
CA LEU A 122 2.27 -4.27 7.80
C LEU A 122 2.21 -2.73 7.85
N LEU A 123 1.59 -2.10 6.85
CA LEU A 123 1.41 -0.66 6.86
C LEU A 123 0.63 -0.16 8.07
N ASP A 124 -0.43 -0.88 8.46
CA ASP A 124 -1.23 -0.44 9.61
C ASP A 124 -0.33 -0.35 10.85
N ALA A 125 0.52 -1.35 11.03
CA ALA A 125 1.42 -1.41 12.17
C ALA A 125 2.48 -0.31 12.09
N ALA A 126 3.01 -0.10 10.89
CA ALA A 126 4.02 0.93 10.68
C ALA A 126 3.44 2.32 10.95
N LEU A 127 2.23 2.60 10.44
CA LEU A 127 1.58 3.86 10.72
C LEU A 127 1.38 4.07 12.21
N LEU A 128 0.90 3.06 12.91
CA LEU A 128 0.73 3.19 14.35
C LEU A 128 2.03 3.48 15.06
N ALA A 129 3.12 2.85 14.62
CA ALA A 129 4.41 3.11 15.24
C ALA A 129 4.85 4.53 14.97
N ARG A 130 4.59 5.03 13.76
CA ARG A 130 4.95 6.41 13.45
C ARG A 130 4.06 7.43 14.19
N LEU A 131 2.76 7.15 14.23
CA LEU A 131 1.82 8.07 14.86
C LEU A 131 2.04 8.16 16.37
N GLU A 132 2.63 7.14 16.98
CA GLU A 132 2.92 7.20 18.40
C GLU A 132 3.82 8.39 18.70
N VAL A 133 4.68 8.73 17.75
CA VAL A 133 5.59 9.85 17.87
C VAL A 133 4.96 11.15 17.39
N THR A 134 4.34 11.12 16.21
CA THR A 134 3.87 12.37 15.61
C THR A 134 2.60 12.93 16.25
N GLN A 135 1.80 12.08 16.87
CA GLN A 135 0.49 12.50 17.41
C GLN A 135 0.40 12.48 18.93
N ARG A 136 1.51 12.19 19.60
CA ARG A 136 1.53 12.14 21.06
C ARG A 136 2.75 12.83 21.61
N LYS A 137 2.56 13.54 22.72
CA LYS A 137 3.67 14.04 23.51
C LYS A 137 4.37 12.82 24.10
N GLU A 138 5.65 12.96 24.41
CA GLU A 138 6.40 11.85 25.00
C GLU A 138 5.67 11.24 26.20
N SER A 139 5.02 12.10 26.99
CA SER A 139 4.31 11.66 28.18
C SER A 139 3.02 10.89 27.88
N GLU A 140 2.68 10.75 26.60
CA GLU A 140 1.47 10.04 26.19
C GLU A 140 1.83 8.77 25.43
N ARG A 141 3.09 8.34 25.49
CA ARG A 141 3.53 7.21 24.66
C ARG A 141 3.70 5.90 25.43
N SER A 142 3.54 4.79 24.71
CA SER A 142 3.69 3.44 25.27
C SER A 142 4.78 2.65 24.56
N GLU A 143 5.77 2.22 25.34
CA GLU A 143 6.85 1.41 24.79
C GLU A 143 6.32 0.06 24.36
N SER A 144 5.46 -0.54 25.17
CA SER A 144 4.92 -1.86 24.87
C SER A 144 4.05 -1.86 23.60
N TRP A 145 3.29 -0.79 23.39
CA TRP A 145 2.47 -0.72 22.18
C TRP A 145 3.33 -0.65 20.94
N VAL A 146 4.37 0.18 20.98
CA VAL A 146 5.23 0.32 19.81
C VAL A 146 5.99 -0.99 19.56
N GLN A 147 6.40 -1.67 20.62
CA GLN A 147 7.08 -2.94 20.43
C GLN A 147 6.15 -3.97 19.80
N ARG A 148 4.89 -3.98 20.22
CA ARG A 148 3.91 -4.86 19.61
C ARG A 148 3.80 -4.59 18.11
N GLN A 149 3.65 -3.32 17.76
CA GLN A 149 3.52 -3.00 16.35
C GLN A 149 4.77 -3.35 15.56
N ARG A 150 5.95 -3.07 16.12
CA ARG A 150 7.18 -3.40 15.43
C ARG A 150 7.34 -4.92 15.28
N SER A 151 6.85 -5.68 16.25
CA SER A 151 6.89 -7.14 16.12
C SER A 151 5.99 -7.63 14.98
N LYS A 152 4.85 -6.96 14.74
CA LYS A 152 3.98 -7.36 13.65
C LYS A 152 4.70 -7.09 12.34
N ILE A 153 5.43 -5.97 12.26
CA ILE A 153 6.14 -5.65 11.03
C ILE A 153 7.17 -6.76 10.73
N ASP A 154 7.94 -7.14 11.74
CA ASP A 154 8.96 -8.17 11.58
C ASP A 154 8.31 -9.47 11.12
N ALA A 155 7.20 -9.84 11.75
CA ALA A 155 6.51 -11.08 11.42
C ALA A 155 5.93 -11.03 10.01
N ALA A 156 5.39 -9.88 9.63
CA ALA A 156 4.82 -9.74 8.30
C ALA A 156 5.90 -9.85 7.25
N LEU A 157 7.06 -9.24 7.50
CA LEU A 157 8.20 -9.35 6.58
C LEU A 157 8.62 -10.79 6.40
N THR A 158 8.73 -11.53 7.50
CA THR A 158 9.11 -12.93 7.40
C THR A 158 8.07 -13.69 6.58
N ALA A 159 6.80 -13.42 6.80
CA ALA A 159 5.75 -14.09 6.04
C ALA A 159 5.82 -13.73 4.56
N MET A 160 6.11 -12.48 4.25
CA MET A 160 6.21 -12.08 2.85
C MET A 160 7.37 -12.85 2.20
N SER A 161 8.50 -12.95 2.90
CA SER A 161 9.63 -13.65 2.34
C SER A 161 9.31 -15.15 2.18
N THR A 162 8.66 -15.74 3.18
CA THR A 162 8.28 -17.16 3.11
C THR A 162 7.29 -17.41 1.96
N GLY A 163 6.34 -16.49 1.81
CA GLY A 163 5.30 -16.62 0.79
C GLY A 163 5.82 -16.44 -0.62
N LEU A 164 6.70 -15.47 -0.83
CA LEU A 164 7.28 -15.23 -2.15
C LEU A 164 8.17 -16.39 -2.53
N ALA A 165 8.93 -16.88 -1.56
CA ALA A 165 9.86 -17.98 -1.76
C ALA A 165 10.74 -17.69 -2.99
N ASP A 166 10.85 -18.64 -3.91
N ASP A 166 10.81 -18.64 -3.92
CA ASP A 166 11.71 -18.49 -5.08
CA ASP A 166 11.69 -18.55 -5.09
C ASP A 166 10.90 -18.22 -6.35
C ASP A 166 10.96 -18.04 -6.36
N LYS A 167 9.70 -17.67 -6.18
CA LYS A 167 8.85 -17.27 -7.31
C LYS A 167 9.26 -15.92 -7.89
N THR A 168 8.89 -15.70 -9.14
CA THR A 168 9.10 -14.43 -9.84
C THR A 168 8.30 -13.30 -9.27
N TRP A 169 7.02 -13.55 -9.06
CA TRP A 169 6.10 -12.62 -8.43
C TRP A 169 5.38 -13.34 -7.29
N CYS A 170 4.66 -12.58 -6.48
CA CYS A 170 4.05 -13.14 -5.29
C CYS A 170 3.23 -14.39 -5.53
N THR A 171 2.46 -14.42 -6.62
CA THR A 171 1.63 -15.56 -6.96
C THR A 171 2.18 -16.41 -8.10
N GLY A 172 3.43 -16.20 -8.50
CA GLY A 172 4.06 -17.03 -9.50
C GLY A 172 4.48 -16.27 -10.76
N THR A 173 3.83 -16.57 -11.88
CA THR A 173 4.25 -16.03 -13.18
C THR A 173 3.87 -14.58 -13.41
N HIS A 174 2.78 -14.10 -12.81
CA HIS A 174 2.24 -12.80 -13.19
C HIS A 174 2.22 -11.80 -12.09
N TYR A 175 2.46 -10.55 -12.49
CA TYR A 175 2.32 -9.37 -11.64
C TYR A 175 0.84 -9.12 -11.35
N THR A 176 0.54 -8.94 -10.08
CA THR A 176 -0.82 -8.71 -9.60
C THR A 176 -0.82 -7.63 -8.53
N LEU A 177 -2.03 -7.33 -8.05
CA LEU A 177 -2.18 -6.42 -6.93
C LEU A 177 -1.38 -6.85 -5.72
N ALA A 178 -1.13 -8.16 -5.56
CA ALA A 178 -0.28 -8.60 -4.47
C ALA A 178 1.08 -7.93 -4.50
N ASP A 179 1.69 -7.92 -5.69
CA ASP A 179 2.99 -7.30 -5.87
C ASP A 179 2.95 -5.81 -5.65
N VAL A 180 1.92 -5.15 -6.19
CA VAL A 180 1.77 -3.72 -5.95
C VAL A 180 1.77 -3.41 -4.46
N ALA A 181 0.95 -4.15 -3.72
CA ALA A 181 0.76 -3.90 -2.31
C ALA A 181 2.05 -4.13 -1.53
N VAL A 182 2.73 -5.25 -1.81
CA VAL A 182 3.99 -5.55 -1.15
C VAL A 182 5.05 -4.53 -1.48
N GLY A 183 5.14 -4.13 -2.76
CA GLY A 183 6.10 -3.13 -3.16
C GLY A 183 5.91 -1.80 -2.46
N CYS A 184 4.66 -1.41 -2.31
CA CYS A 184 4.34 -0.18 -1.60
C CYS A 184 4.71 -0.24 -0.12
N ALA A 185 4.52 -1.41 0.48
CA ALA A 185 4.85 -1.62 1.89
C ALA A 185 6.36 -1.56 2.10
N LEU A 186 7.11 -2.28 1.27
CA LEU A 186 8.55 -2.32 1.45
C LEU A 186 9.18 -0.96 1.19
N ALA A 187 8.70 -0.26 0.17
CA ALA A 187 9.18 1.07 -0.12
C ALA A 187 8.84 2.06 1.01
N TYR A 188 7.69 1.85 1.65
CA TYR A 188 7.33 2.69 2.79
C TYR A 188 8.30 2.50 3.96
N LEU A 189 8.68 1.25 4.23
CA LEU A 189 9.69 1.00 5.25
C LEU A 189 11.02 1.65 4.89
N ASP A 190 11.45 1.55 3.63
CA ASP A 190 12.66 2.27 3.21
C ASP A 190 12.60 3.79 3.50
N PHE A 191 11.42 4.34 3.27
CA PHE A 191 11.18 5.77 3.37
C PHE A 191 11.09 6.23 4.83
N ARG A 192 10.24 5.55 5.61
CA ARG A 192 9.95 6.02 6.98
C ARG A 192 10.63 5.27 8.11
N PHE A 193 11.06 4.05 7.84
CA PHE A 193 11.67 3.18 8.85
C PHE A 193 12.98 2.57 8.36
N PRO A 194 13.94 3.42 7.97
CA PRO A 194 15.19 2.87 7.47
C PRO A 194 15.93 2.02 8.51
N ASP A 195 15.55 2.15 9.79
CA ASP A 195 16.11 1.33 10.86
C ASP A 195 15.63 -0.11 10.89
N ILE A 196 14.54 -0.42 10.21
CA ILE A 196 14.05 -1.78 10.11
C ILE A 196 14.75 -2.43 8.92
N ALA A 197 15.77 -3.24 9.22
CA ALA A 197 16.72 -3.68 8.20
C ALA A 197 16.27 -4.90 7.41
N TRP A 198 15.09 -4.81 6.80
CA TRP A 198 14.53 -5.94 6.09
C TRP A 198 15.42 -6.39 4.92
N ARG A 199 16.16 -5.47 4.34
CA ARG A 199 17.00 -5.78 3.16
C ARG A 199 18.16 -6.70 3.49
N ASP A 200 18.65 -6.60 4.71
CA ASP A 200 19.68 -7.52 5.16
C ASP A 200 19.09 -8.91 5.37
N ARG A 201 17.87 -8.98 5.92
CA ARG A 201 17.22 -10.22 6.38
C ARG A 201 16.68 -11.09 5.27
N HIS A 202 16.19 -10.49 4.20
CA HIS A 202 15.36 -11.18 3.21
C HIS A 202 15.80 -10.91 1.79
N PRO A 203 16.80 -11.65 1.31
CA PRO A 203 17.32 -11.42 -0.04
C PRO A 203 16.26 -11.55 -1.11
N ASN A 204 15.28 -12.44 -0.95
CA ASN A 204 14.30 -12.54 -2.01
C ASN A 204 13.42 -11.29 -2.14
N LEU A 205 13.14 -10.63 -1.02
CA LEU A 205 12.41 -9.37 -1.06
C LEU A 205 13.24 -8.25 -1.67
N VAL A 206 14.55 -8.27 -1.44
CA VAL A 206 15.43 -7.30 -2.08
C VAL A 206 15.37 -7.45 -3.60
N ALA A 207 15.44 -8.68 -4.10
CA ALA A 207 15.40 -8.90 -5.53
C ALA A 207 14.06 -8.46 -6.11
N PHE A 208 12.99 -8.80 -5.39
CA PHE A 208 11.65 -8.36 -5.77
C PHE A 208 11.56 -6.86 -5.86
N GLN A 209 12.07 -6.17 -4.84
CA GLN A 209 11.88 -4.72 -4.80
C GLN A 209 12.71 -4.03 -5.87
N GLU A 210 13.90 -4.56 -6.15
N GLU A 210 13.90 -4.56 -6.14
CA GLU A 210 14.76 -4.01 -7.18
CA GLU A 210 14.76 -4.00 -7.17
C GLU A 210 14.07 -4.05 -8.54
C GLU A 210 14.08 -4.06 -8.54
N LYS A 211 13.32 -5.11 -8.76
CA LYS A 211 12.57 -5.26 -10.01
C LYS A 211 11.35 -4.34 -10.05
N ILE A 212 10.55 -4.36 -9.00
CA ILE A 212 9.29 -3.66 -9.05
C ILE A 212 9.52 -2.15 -9.14
N GLU A 213 10.61 -1.66 -8.56
CA GLU A 213 10.84 -0.22 -8.52
C GLU A 213 11.28 0.32 -9.89
N LYS A 214 11.57 -0.59 -10.83
CA LYS A 214 11.85 -0.20 -12.20
C LYS A 214 10.60 -0.04 -13.04
N ARG A 215 9.43 -0.42 -12.52
CA ARG A 215 8.19 -0.23 -13.25
C ARG A 215 7.84 1.25 -13.27
N GLN A 216 7.31 1.70 -14.40
CA GLN A 216 6.96 3.10 -14.59
C GLN A 216 6.02 3.60 -13.47
N SER A 217 5.06 2.77 -13.09
CA SER A 217 4.11 3.15 -12.07
C SER A 217 4.77 3.46 -10.72
N PHE A 218 5.81 2.72 -10.37
CA PHE A 218 6.56 3.00 -9.17
C PHE A 218 7.46 4.23 -9.32
N ILE A 219 8.17 4.31 -10.45
CA ILE A 219 9.04 5.46 -10.73
C ILE A 219 8.27 6.79 -10.59
N ASP A 220 7.04 6.81 -11.08
CA ASP A 220 6.26 8.03 -11.09
C ASP A 220 5.60 8.37 -9.76
N THR A 221 5.63 7.46 -8.79
CA THR A 221 4.92 7.63 -7.52
C THR A 221 5.83 7.56 -6.28
N GLU A 222 7.13 7.76 -6.44
CA GLU A 222 8.03 7.71 -5.29
C GLU A 222 7.68 8.80 -4.27
N PRO A 223 7.77 8.48 -2.96
CA PRO A 223 7.44 9.50 -1.97
C PRO A 223 8.52 10.56 -1.89
N PRO A 224 8.15 11.84 -1.76
CA PRO A 224 9.13 12.93 -1.71
C PRO A 224 9.84 12.98 -0.36
N ARG A 225 11.13 13.26 -0.37
CA ARG A 225 12.00 13.30 0.81
C ARG A 225 12.35 11.90 1.30
#